data_2O23
#
_entry.id   2O23
#
_cell.length_a   117.037
_cell.length_b   117.037
_cell.length_c   69.087
_cell.angle_alpha   90.00
_cell.angle_beta   90.00
_cell.angle_gamma   120.00
#
_symmetry.space_group_name_H-M   'P 32 2 1'
#
loop_
_entity.id
_entity.type
_entity.pdbx_description
1 polymer 'HADH2 protein'
2 non-polymer NICOTINAMIDE-ADENINE-DINUCLEOTIDE
3 non-polymer GLYCEROL
4 water water
#
_entity_poly.entity_id   1
_entity_poly.type   'polypeptide(L)'
_entity_poly.pdbx_seq_one_letter_code
;GHMAAACRSVKGLVAVITGGASGLGLATAERLVGQGASAVLLDLPNSGGEAQAKKLGNNCVFAPADVTSEKDVQTALALA
KGKFGRVDVAVNCAGIAVASKTYNLKKGQTHTLEDFQRVLDVNLMGTFNVIRLVAGEMGQNEPDQGGQRGVIINTASVAA
FEGQVGQAAYSASKGGIVGMTLPIARDLAPIGIRVMTIAPGLFGTPLLTSLPEKVCNFLASQVPFPSRLGDPAEYAHLVQ
AIIENPFLNGEVIRLDGAIRMQPGS
;
_entity_poly.pdbx_strand_id   A,B
#
# COMPACT_ATOMS: atom_id res chain seq x y z
N ARG A 8 3.89 14.68 3.83
CA ARG A 8 3.77 16.03 3.20
C ARG A 8 2.35 16.25 2.67
N SER A 9 2.11 17.39 2.02
CA SER A 9 0.86 17.62 1.29
C SER A 9 1.19 17.80 -0.19
N VAL A 10 0.19 17.61 -1.05
CA VAL A 10 0.43 17.70 -2.48
C VAL A 10 0.26 19.12 -3.03
N LYS A 11 -0.19 20.05 -2.20
CA LYS A 11 -0.40 21.43 -2.66
C LYS A 11 0.91 22.01 -3.20
N GLY A 12 0.86 22.56 -4.41
CA GLY A 12 2.05 23.14 -5.04
C GLY A 12 2.95 22.19 -5.78
N LEU A 13 2.74 20.88 -5.65
CA LEU A 13 3.53 19.92 -6.43
C LEU A 13 3.09 19.93 -7.90
N VAL A 14 4.03 19.64 -8.79
CA VAL A 14 3.76 19.54 -10.23
C VAL A 14 3.84 18.05 -10.64
N ALA A 15 2.74 17.51 -11.15
CA ALA A 15 2.65 16.11 -11.57
C ALA A 15 2.49 15.96 -13.06
N VAL A 16 3.31 15.10 -13.67
CA VAL A 16 3.13 14.69 -15.06
C VAL A 16 2.45 13.33 -15.00
N ILE A 17 1.30 13.24 -15.66
CA ILE A 17 0.44 12.04 -15.63
C ILE A 17 0.25 11.50 -17.02
N THR A 18 0.90 10.37 -17.31
CA THR A 18 0.74 9.77 -18.62
C THR A 18 -0.59 9.04 -18.65
N GLY A 19 -1.21 8.99 -19.82
CA GLY A 19 -2.57 8.50 -19.89
C GLY A 19 -3.58 9.40 -19.19
N GLY A 20 -3.24 10.67 -19.02
CA GLY A 20 -4.03 11.57 -18.18
C GLY A 20 -5.35 12.03 -18.78
N ALA A 21 -5.62 11.70 -20.05
CA ALA A 21 -6.87 12.11 -20.69
C ALA A 21 -8.06 11.23 -20.33
N SER A 22 -7.81 10.08 -19.69
CA SER A 22 -8.87 9.09 -19.46
C SER A 22 -8.63 8.28 -18.20
N GLY A 23 -9.70 7.67 -17.68
CA GLY A 23 -9.55 6.56 -16.75
C GLY A 23 -8.76 6.88 -15.51
N LEU A 24 -7.83 6.01 -15.15
CA LEU A 24 -7.11 6.14 -13.90
C LEU A 24 -6.24 7.41 -13.90
N GLY A 25 -5.63 7.73 -15.04
CA GLY A 25 -4.80 8.92 -15.13
C GLY A 25 -5.61 10.18 -14.94
N LEU A 26 -6.77 10.25 -15.59
CA LEU A 26 -7.66 11.41 -15.44
C LEU A 26 -8.16 11.54 -14.01
N ALA A 27 -8.55 10.44 -13.38
CA ALA A 27 -9.00 10.47 -11.98
C ALA A 27 -7.90 10.99 -11.07
N THR A 28 -6.66 10.58 -11.36
CA THR A 28 -5.49 11.05 -10.60
C THR A 28 -5.33 12.56 -10.76
N ALA A 29 -5.40 13.05 -12.00
CA ALA A 29 -5.29 14.50 -12.28
C ALA A 29 -6.38 15.27 -11.54
N GLU A 30 -7.61 14.76 -11.59
CA GLU A 30 -8.74 15.44 -10.94
C GLU A 30 -8.50 15.56 -9.44
N ARG A 31 -8.04 14.48 -8.82
CA ARG A 31 -7.83 14.51 -7.39
C ARG A 31 -6.71 15.46 -7.00
N LEU A 32 -5.57 15.35 -7.68
CA LEU A 32 -4.40 16.15 -7.34
C LEU A 32 -4.64 17.63 -7.57
N VAL A 33 -5.27 17.97 -8.71
CA VAL A 33 -5.62 19.38 -8.98
C VAL A 33 -6.60 19.90 -7.92
N GLY A 34 -7.55 19.05 -7.50
CA GLY A 34 -8.49 19.41 -6.42
C GLY A 34 -7.83 19.66 -5.07
N GLN A 35 -6.65 19.05 -4.87
CA GLN A 35 -5.85 19.17 -3.64
C GLN A 35 -4.77 20.26 -3.79
N GLY A 36 -4.78 21.00 -4.91
CA GLY A 36 -3.88 22.13 -5.09
C GLY A 36 -2.57 21.89 -5.84
N ALA A 37 -2.44 20.72 -6.45
CA ALA A 37 -1.28 20.43 -7.29
C ALA A 37 -1.52 20.97 -8.69
N SER A 38 -0.46 21.04 -9.47
CA SER A 38 -0.56 21.35 -10.90
C SER A 38 -0.32 20.04 -11.64
N ALA A 39 -1.05 19.85 -12.73
CA ALA A 39 -0.97 18.60 -13.50
C ALA A 39 -0.75 18.85 -14.99
N VAL A 40 0.09 18.00 -15.57
CA VAL A 40 0.28 17.93 -17.01
C VAL A 40 -0.26 16.57 -17.48
N LEU A 41 -1.29 16.60 -18.33
CA LEU A 41 -1.87 15.39 -18.90
C LEU A 41 -1.07 15.05 -20.14
N LEU A 42 -0.26 13.99 -20.06
CA LEU A 42 0.55 13.54 -21.17
C LEU A 42 -0.19 12.39 -21.83
N ASP A 43 -0.67 12.61 -23.05
CA ASP A 43 -1.52 11.61 -23.70
C ASP A 43 -1.47 11.86 -25.20
N LEU A 44 -2.01 10.92 -25.96
CA LEU A 44 -1.91 10.98 -27.40
C LEU A 44 -2.71 12.17 -27.99
N PRO A 45 -2.28 12.67 -29.15
N PRO A 45 -2.30 12.63 -29.19
CA PRO A 45 -3.18 13.57 -29.90
CA PRO A 45 -2.95 13.77 -29.84
C PRO A 45 -4.56 12.94 -30.14
C PRO A 45 -4.46 13.63 -30.05
N ASN A 46 -5.61 13.75 -30.03
N ASN A 46 -4.96 12.40 -30.21
CA ASN A 46 -6.97 13.28 -30.24
CA ASN A 46 -6.38 12.23 -30.52
C ASN A 46 -7.41 12.23 -29.22
C ASN A 46 -7.23 11.84 -29.31
N SER A 47 -6.76 12.23 -28.05
N SER A 47 -6.69 12.07 -28.11
CA SER A 47 -7.19 11.49 -26.87
C SER A 47 -8.30 12.21 -26.06
N GLY A 48 -8.63 13.44 -26.41
CA GLY A 48 -9.55 14.26 -25.58
C GLY A 48 -8.86 15.04 -24.46
N GLY A 49 -7.53 14.95 -24.40
CA GLY A 49 -6.74 15.61 -23.37
C GLY A 49 -6.88 17.13 -23.30
N GLU A 50 -6.99 17.80 -24.43
CA GLU A 50 -7.13 19.24 -24.42
C GLU A 50 -8.44 19.65 -23.71
N ALA A 51 -9.54 18.99 -24.05
CA ALA A 51 -10.83 19.32 -23.44
C ALA A 51 -10.82 18.99 -21.96
N GLN A 52 -10.13 17.92 -21.57
CA GLN A 52 -10.06 17.56 -20.15
C GLN A 52 -9.23 18.58 -19.39
N ALA A 53 -8.12 19.03 -19.97
CA ALA A 53 -7.28 20.03 -19.32
C ALA A 53 -8.01 21.37 -19.15
N LYS A 54 -8.82 21.74 -20.15
CA LYS A 54 -9.60 22.98 -20.07
C LYS A 54 -10.63 22.86 -18.95
N LYS A 55 -11.28 21.70 -18.86
CA LYS A 55 -12.30 21.45 -17.85
C LYS A 55 -11.71 21.54 -16.42
N LEU A 56 -10.46 21.10 -16.27
CA LEU A 56 -9.77 21.10 -14.97
C LEU A 56 -9.18 22.44 -14.51
N GLY A 57 -9.17 23.43 -15.38
CA GLY A 57 -8.79 24.77 -14.96
C GLY A 57 -7.37 25.14 -15.25
N ASN A 58 -6.95 26.31 -14.77
CA ASN A 58 -5.67 26.84 -15.21
CA ASN A 58 -5.68 26.87 -15.19
C ASN A 58 -4.42 26.23 -14.55
N ASN A 59 -4.59 25.31 -13.59
CA ASN A 59 -3.46 24.53 -13.05
CA ASN A 59 -3.46 24.54 -13.06
C ASN A 59 -3.31 23.16 -13.73
N CYS A 60 -3.93 23.00 -14.89
CA CYS A 60 -3.85 21.76 -15.66
C CYS A 60 -3.65 22.08 -17.13
N VAL A 61 -2.67 21.46 -17.77
CA VAL A 61 -2.43 21.61 -19.20
C VAL A 61 -2.27 20.24 -19.87
N PHE A 62 -2.50 20.21 -21.18
CA PHE A 62 -2.34 19.01 -22.00
C PHE A 62 -1.01 19.07 -22.75
N ALA A 63 -0.25 17.98 -22.68
CA ALA A 63 0.98 17.79 -23.43
C ALA A 63 0.83 16.58 -24.35
N PRO A 64 0.59 16.84 -25.65
CA PRO A 64 0.45 15.71 -26.57
C PRO A 64 1.77 14.95 -26.76
N ALA A 65 1.73 13.64 -26.61
CA ALA A 65 2.94 12.81 -26.71
C ALA A 65 2.56 11.36 -26.74
N ASP A 66 3.34 10.58 -27.48
CA ASP A 66 3.34 9.12 -27.41
C ASP A 66 4.48 8.71 -26.50
N VAL A 67 4.17 7.96 -25.43
CA VAL A 67 5.19 7.59 -24.46
C VAL A 67 6.32 6.72 -25.06
N THR A 68 6.10 6.10 -26.22
CA THR A 68 7.14 5.29 -26.87
C THR A 68 8.18 6.13 -27.64
N SER A 69 7.95 7.45 -27.74
CA SER A 69 8.83 8.36 -28.51
C SER A 69 9.69 9.20 -27.59
N GLU A 70 11.01 9.09 -27.75
CA GLU A 70 11.94 9.96 -27.01
CA GLU A 70 11.95 9.95 -27.02
C GLU A 70 11.66 11.42 -27.30
N LYS A 71 11.53 11.76 -28.59
CA LYS A 71 11.25 13.13 -28.98
C LYS A 71 9.96 13.66 -28.35
N ASP A 72 8.90 12.87 -28.37
CA ASP A 72 7.62 13.37 -27.85
C ASP A 72 7.68 13.59 -26.33
N VAL A 73 8.31 12.66 -25.61
CA VAL A 73 8.39 12.79 -24.16
C VAL A 73 9.28 13.99 -23.81
N GLN A 74 10.37 14.18 -24.54
CA GLN A 74 11.23 15.34 -24.37
CA GLN A 74 11.23 15.35 -24.34
C GLN A 74 10.44 16.65 -24.53
N THR A 75 9.63 16.72 -25.58
CA THR A 75 8.79 17.90 -25.85
C THR A 75 7.79 18.12 -24.70
N ALA A 76 7.15 17.05 -24.22
CA ALA A 76 6.15 17.16 -23.17
C ALA A 76 6.77 17.64 -21.86
N LEU A 77 7.94 17.12 -21.54
CA LEU A 77 8.64 17.55 -20.33
C LEU A 77 9.13 19.00 -20.44
N ALA A 78 9.55 19.42 -21.62
CA ALA A 78 9.96 20.82 -21.83
C ALA A 78 8.75 21.76 -21.69
N LEU A 79 7.58 21.28 -22.12
CA LEU A 79 6.32 22.02 -21.96
C LEU A 79 5.98 22.16 -20.48
N ALA A 80 6.08 21.05 -19.73
CA ALA A 80 5.85 21.07 -18.28
C ALA A 80 6.76 22.06 -17.58
N LYS A 81 8.05 22.06 -17.93
CA LYS A 81 9.06 22.95 -17.35
C LYS A 81 8.72 24.42 -17.67
N GLY A 82 8.33 24.69 -18.92
CA GLY A 82 8.01 26.06 -19.32
C GLY A 82 6.77 26.58 -18.62
N LYS A 83 5.81 25.70 -18.35
CA LYS A 83 4.54 26.11 -17.75
C LYS A 83 4.60 26.26 -16.22
N PHE A 84 5.18 25.26 -15.58
CA PHE A 84 5.12 25.14 -14.12
C PHE A 84 6.48 25.19 -13.40
N GLY A 85 7.58 25.19 -14.17
CA GLY A 85 8.91 25.44 -13.63
C GLY A 85 9.71 24.26 -13.14
N ARG A 86 9.05 23.12 -12.96
CA ARG A 86 9.69 21.95 -12.35
C ARG A 86 8.75 20.77 -12.49
N VAL A 87 9.27 19.57 -12.24
CA VAL A 87 8.42 18.37 -12.13
C VAL A 87 8.75 17.68 -10.81
N ASP A 88 7.71 17.41 -10.00
CA ASP A 88 7.87 16.75 -8.70
C ASP A 88 7.41 15.28 -8.66
N VAL A 89 6.41 14.95 -9.47
CA VAL A 89 5.78 13.65 -9.45
C VAL A 89 5.55 13.21 -10.89
N ALA A 90 5.77 11.93 -11.17
CA ALA A 90 5.33 11.35 -12.43
C ALA A 90 4.47 10.15 -12.11
N VAL A 91 3.35 10.03 -12.83
CA VAL A 91 2.45 8.88 -12.71
C VAL A 91 2.27 8.27 -14.09
N ASN A 92 2.72 7.01 -14.23
CA ASN A 92 2.61 6.27 -15.49
C ASN A 92 1.31 5.47 -15.57
N CYS A 93 0.30 6.00 -16.25
CA CYS A 93 -0.97 5.31 -16.52
C CYS A 93 -1.19 4.94 -17.98
N ALA A 94 -0.42 5.48 -18.92
CA ALA A 94 -0.59 5.14 -20.34
C ALA A 94 -0.46 3.64 -20.51
N GLY A 95 -1.39 3.01 -21.23
CA GLY A 95 -1.32 1.56 -21.43
C GLY A 95 -2.39 1.09 -22.38
N ILE A 96 -2.16 -0.11 -22.92
CA ILE A 96 -3.07 -0.79 -23.82
C ILE A 96 -3.19 -2.25 -23.42
N ALA A 97 -4.13 -2.95 -24.03
CA ALA A 97 -4.37 -4.33 -23.72
C ALA A 97 -4.61 -5.11 -25.01
N VAL A 98 -4.44 -6.43 -24.91
CA VAL A 98 -4.87 -7.36 -25.93
C VAL A 98 -5.31 -8.64 -25.24
N ALA A 99 -6.21 -9.36 -25.88
CA ALA A 99 -6.65 -10.68 -25.45
C ALA A 99 -6.39 -11.62 -26.60
N SER A 100 -5.42 -12.51 -26.42
CA SER A 100 -5.03 -13.43 -27.48
C SER A 100 -4.30 -14.61 -26.85
N LYS A 101 -4.77 -15.83 -27.12
CA LYS A 101 -4.11 -17.03 -26.62
CA LYS A 101 -4.12 -17.02 -26.61
C LYS A 101 -2.77 -17.25 -27.28
N THR A 102 -1.81 -17.78 -26.53
CA THR A 102 -0.51 -18.15 -27.11
C THR A 102 -0.68 -19.05 -28.34
N TYR A 103 -1.46 -20.12 -28.15
CA TYR A 103 -1.77 -21.07 -29.23
C TYR A 103 -3.10 -21.71 -28.88
N ASN A 104 -3.93 -21.95 -29.91
CA ASN A 104 -5.24 -22.56 -29.78
C ASN A 104 -5.29 -23.71 -30.78
N LEU A 105 -5.20 -24.95 -30.28
CA LEU A 105 -5.18 -26.13 -31.14
C LEU A 105 -6.50 -26.35 -31.90
N LYS A 106 -7.61 -26.11 -31.21
CA LYS A 106 -8.95 -26.32 -31.80
C LYS A 106 -9.14 -25.49 -33.06
N LYS A 107 -8.69 -24.23 -33.03
CA LYS A 107 -8.83 -23.26 -34.12
C LYS A 107 -7.59 -23.10 -35.00
N GLY A 108 -6.48 -23.68 -34.59
CA GLY A 108 -5.23 -23.58 -35.31
C GLY A 108 -4.65 -22.17 -35.32
N GLN A 109 -4.86 -21.42 -34.23
CA GLN A 109 -4.48 -20.00 -34.17
C GLN A 109 -3.30 -19.78 -33.27
N THR A 110 -2.33 -19.00 -33.74
CA THR A 110 -1.14 -18.68 -32.96
C THR A 110 -1.11 -17.17 -32.71
N HIS A 111 -0.77 -16.76 -31.48
CA HIS A 111 -0.62 -15.35 -31.13
C HIS A 111 0.33 -14.72 -32.14
N THR A 112 0.04 -13.52 -32.62
CA THR A 112 0.99 -12.86 -33.52
C THR A 112 2.14 -12.25 -32.74
N LEU A 113 3.30 -12.16 -33.38
CA LEU A 113 4.44 -11.52 -32.76
C LEU A 113 4.16 -10.04 -32.56
N GLU A 114 3.53 -9.40 -33.54
CA GLU A 114 3.25 -7.97 -33.45
C GLU A 114 2.32 -7.59 -32.30
N ASP A 115 1.33 -8.42 -31.97
CA ASP A 115 0.45 -8.12 -30.83
C ASP A 115 1.26 -8.13 -29.53
N PHE A 116 2.20 -9.06 -29.39
CA PHE A 116 3.09 -9.10 -28.20
C PHE A 116 3.97 -7.85 -28.14
N GLN A 117 4.61 -7.54 -29.27
CA GLN A 117 5.54 -6.42 -29.34
C GLN A 117 4.85 -5.08 -29.04
N ARG A 118 3.65 -4.89 -29.56
CA ARG A 118 2.93 -3.62 -29.42
CA ARG A 118 2.96 -3.61 -29.40
C ARG A 118 2.61 -3.34 -27.96
N VAL A 119 2.15 -4.36 -27.25
CA VAL A 119 1.79 -4.21 -25.84
C VAL A 119 3.06 -3.99 -24.98
N LEU A 120 4.13 -4.73 -25.24
CA LEU A 120 5.38 -4.49 -24.55
C LEU A 120 5.86 -3.06 -24.78
N ASP A 121 5.76 -2.59 -26.02
CA ASP A 121 6.32 -1.28 -26.36
C ASP A 121 5.61 -0.17 -25.60
N VAL A 122 4.29 -0.15 -25.62
CA VAL A 122 3.56 0.90 -24.94
C VAL A 122 3.66 0.78 -23.42
N ASN A 123 3.37 -0.40 -22.90
CA ASN A 123 3.16 -0.57 -21.47
C ASN A 123 4.48 -0.59 -20.72
N LEU A 124 5.50 -1.25 -21.26
CA LEU A 124 6.76 -1.47 -20.55
C LEU A 124 7.84 -0.51 -21.02
N MET A 125 8.17 -0.55 -22.30
CA MET A 125 9.20 0.36 -22.80
C MET A 125 8.74 1.83 -22.64
N GLY A 126 7.46 2.08 -22.88
CA GLY A 126 6.93 3.45 -22.74
C GLY A 126 7.03 3.99 -21.31
N THR A 127 6.73 3.15 -20.32
CA THR A 127 6.90 3.53 -18.92
C THR A 127 8.39 3.79 -18.64
N PHE A 128 9.29 2.90 -19.09
CA PHE A 128 10.69 3.16 -18.87
C PHE A 128 11.15 4.45 -19.55
N ASN A 129 10.68 4.74 -20.76
CA ASN A 129 11.08 5.95 -21.46
C ASN A 129 10.72 7.20 -20.65
N VAL A 130 9.51 7.23 -20.11
CA VAL A 130 9.11 8.34 -19.28
C VAL A 130 9.95 8.41 -18.01
N ILE A 131 10.16 7.27 -17.35
CA ILE A 131 10.97 7.25 -16.14
C ILE A 131 12.37 7.82 -16.38
N ARG A 132 13.07 7.33 -17.40
CA ARG A 132 14.48 7.72 -17.56
C ARG A 132 14.60 9.22 -17.84
N LEU A 133 13.64 9.78 -18.60
CA LEU A 133 13.68 11.20 -18.94
C LEU A 133 13.17 12.09 -17.80
N VAL A 134 12.13 11.65 -17.09
CA VAL A 134 11.65 12.46 -15.98
C VAL A 134 12.63 12.46 -14.82
N ALA A 135 13.38 11.38 -14.64
CA ALA A 135 14.42 11.34 -13.59
C ALA A 135 15.43 12.49 -13.73
N GLY A 136 15.84 12.78 -14.97
CA GLY A 136 16.75 13.89 -15.23
C GLY A 136 16.13 15.24 -14.89
N GLU A 137 14.84 15.39 -15.17
CA GLU A 137 14.11 16.61 -14.80
C GLU A 137 14.02 16.77 -13.29
N MET A 138 13.63 15.70 -12.61
CA MET A 138 13.56 15.72 -11.13
C MET A 138 14.92 15.94 -10.50
N GLY A 139 15.98 15.46 -11.15
CA GLY A 139 17.33 15.64 -10.64
C GLY A 139 17.75 17.10 -10.55
N GLN A 140 17.08 17.98 -11.30
CA GLN A 140 17.34 19.42 -11.23
C GLN A 140 16.77 20.09 -9.99
N ASN A 141 15.85 19.43 -9.31
CA ASN A 141 15.25 20.02 -8.12
C ASN A 141 16.23 20.04 -6.96
N GLU A 142 16.19 21.10 -6.16
CA GLU A 142 16.89 21.09 -4.89
C GLU A 142 16.20 20.08 -3.99
N PRO A 143 16.96 19.22 -3.30
CA PRO A 143 16.28 18.30 -2.37
C PRO A 143 15.51 19.02 -1.27
N ASP A 144 14.41 18.41 -0.87
CA ASP A 144 13.61 18.93 0.24
C ASP A 144 14.29 18.60 1.56
N GLN A 145 13.65 18.96 2.68
CA GLN A 145 14.25 18.77 4.01
C GLN A 145 14.59 17.30 4.31
N GLY A 146 13.91 16.38 3.65
CA GLY A 146 14.16 14.95 3.80
C GLY A 146 14.98 14.34 2.67
N GLY A 147 15.60 15.18 1.84
CA GLY A 147 16.50 14.73 0.78
C GLY A 147 15.79 14.33 -0.51
N GLN A 148 14.48 14.55 -0.58
CA GLN A 148 13.68 14.05 -1.71
C GLN A 148 13.61 15.05 -2.85
N ARG A 149 13.83 14.56 -4.08
CA ARG A 149 13.71 15.35 -5.32
C ARG A 149 12.47 15.00 -6.14
N GLY A 150 11.89 13.80 -5.93
CA GLY A 150 10.72 13.41 -6.69
C GLY A 150 10.15 12.08 -6.30
N VAL A 151 9.01 11.80 -6.88
CA VAL A 151 8.26 10.54 -6.67
CA VAL A 151 8.38 10.49 -6.72
C VAL A 151 7.75 10.06 -8.04
N ILE A 152 8.03 8.80 -8.38
CA ILE A 152 7.56 8.19 -9.61
C ILE A 152 6.65 7.02 -9.23
N ILE A 153 5.43 6.98 -9.79
CA ILE A 153 4.45 5.94 -9.53
C ILE A 153 4.05 5.29 -10.84
N ASN A 154 4.20 3.97 -10.91
CA ASN A 154 3.86 3.21 -12.12
C ASN A 154 2.60 2.41 -11.91
N THR A 155 1.98 2.02 -13.01
CA THR A 155 0.81 1.17 -12.96
C THR A 155 1.12 -0.17 -13.58
N ALA A 156 1.11 -1.21 -12.75
CA ALA A 156 1.20 -2.59 -13.18
C ALA A 156 -0.23 -3.13 -13.31
N SER A 157 -0.53 -4.30 -12.73
CA SER A 157 -1.84 -4.93 -12.76
C SER A 157 -1.70 -6.18 -11.92
N VAL A 158 -2.79 -6.69 -11.35
CA VAL A 158 -2.74 -8.01 -10.74
C VAL A 158 -2.40 -9.11 -11.78
N ALA A 159 -2.53 -8.81 -13.09
CA ALA A 159 -2.13 -9.75 -14.14
C ALA A 159 -0.63 -10.02 -14.13
N ALA A 160 0.16 -9.18 -13.46
CA ALA A 160 1.57 -9.46 -13.26
C ALA A 160 1.79 -10.70 -12.43
N PHE A 161 0.81 -11.05 -11.60
CA PHE A 161 0.89 -12.16 -10.65
C PHE A 161 -0.02 -13.33 -10.98
N GLU A 162 -1.17 -13.08 -11.57
CA GLU A 162 -2.10 -14.15 -11.91
C GLU A 162 -2.78 -13.92 -13.26
N GLY A 163 -1.98 -13.73 -14.30
CA GLY A 163 -2.52 -13.55 -15.61
C GLY A 163 -3.46 -14.65 -16.04
N GLN A 164 -4.53 -14.27 -16.71
CA GLN A 164 -5.55 -15.19 -17.19
C GLN A 164 -5.24 -15.70 -18.59
N VAL A 165 -5.97 -16.74 -19.01
CA VAL A 165 -5.95 -17.20 -20.40
C VAL A 165 -6.15 -15.99 -21.30
N GLY A 166 -5.28 -15.86 -22.31
CA GLY A 166 -5.32 -14.76 -23.25
C GLY A 166 -4.53 -13.52 -22.88
N GLN A 167 -3.96 -13.49 -21.69
CA GLN A 167 -3.25 -12.33 -21.15
CA GLN A 167 -3.27 -12.31 -21.22
C GLN A 167 -1.74 -12.44 -21.16
N ALA A 168 -1.17 -13.35 -21.94
CA ALA A 168 0.30 -13.48 -21.92
C ALA A 168 1.03 -12.15 -22.19
N ALA A 169 0.64 -11.44 -23.25
CA ALA A 169 1.35 -10.20 -23.62
C ALA A 169 1.21 -9.14 -22.53
N TYR A 170 -0.02 -8.94 -22.10
CA TYR A 170 -0.28 -7.96 -21.04
C TYR A 170 0.43 -8.30 -19.75
N SER A 171 0.37 -9.57 -19.35
CA SER A 171 1.06 -10.03 -18.14
C SER A 171 2.58 -9.88 -18.24
N ALA A 172 3.16 -10.16 -19.41
CA ALA A 172 4.60 -9.95 -19.62
C ALA A 172 4.90 -8.46 -19.39
N SER A 173 4.09 -7.59 -19.98
CA SER A 173 4.38 -6.15 -19.87
C SER A 173 4.32 -5.67 -18.42
N LYS A 174 3.33 -6.16 -17.69
CA LYS A 174 3.10 -5.70 -16.33
C LYS A 174 4.06 -6.38 -15.35
N GLY A 175 4.40 -7.63 -15.63
CA GLY A 175 5.44 -8.30 -14.87
C GLY A 175 6.79 -7.61 -15.04
N GLY A 176 7.04 -7.04 -16.21
CA GLY A 176 8.26 -6.26 -16.41
C GLY A 176 8.25 -4.99 -15.54
N ILE A 177 7.10 -4.32 -15.43
CA ILE A 177 6.95 -3.13 -14.57
CA ILE A 177 7.03 -3.11 -14.60
C ILE A 177 7.30 -3.50 -13.13
N VAL A 178 6.73 -4.60 -12.66
CA VAL A 178 7.01 -5.10 -11.33
C VAL A 178 8.50 -5.37 -11.19
N GLY A 179 9.07 -6.12 -12.14
CA GLY A 179 10.47 -6.50 -12.01
C GLY A 179 11.45 -5.34 -11.95
N MET A 180 11.17 -4.26 -12.68
CA MET A 180 12.11 -3.14 -12.68
C MET A 180 11.88 -2.10 -11.57
N THR A 181 10.83 -2.25 -10.74
CA THR A 181 10.54 -1.26 -9.73
C THR A 181 11.68 -1.11 -8.72
N LEU A 182 12.15 -2.24 -8.20
CA LEU A 182 13.21 -2.21 -7.20
C LEU A 182 14.56 -1.71 -7.77
N PRO A 183 15.05 -2.25 -8.92
CA PRO A 183 16.32 -1.71 -9.43
C PRO A 183 16.26 -0.23 -9.75
N ILE A 184 15.13 0.26 -10.26
CA ILE A 184 15.05 1.70 -10.54
C ILE A 184 15.04 2.50 -9.23
N ALA A 185 14.30 2.04 -8.23
CA ALA A 185 14.37 2.65 -6.90
C ALA A 185 15.80 2.67 -6.37
N ARG A 186 16.53 1.56 -6.56
CA ARG A 186 17.93 1.52 -6.15
C ARG A 186 18.81 2.49 -6.96
N ASP A 187 18.61 2.56 -8.27
CA ASP A 187 19.36 3.49 -9.14
C ASP A 187 19.18 4.94 -8.64
N LEU A 188 17.93 5.30 -8.29
CA LEU A 188 17.58 6.69 -8.03
C LEU A 188 17.62 7.10 -6.55
N ALA A 189 17.91 6.14 -5.68
CA ALA A 189 18.01 6.40 -4.26
C ALA A 189 19.04 7.49 -3.92
N PRO A 190 20.24 7.46 -4.51
CA PRO A 190 21.25 8.49 -4.20
C PRO A 190 20.83 9.91 -4.53
N ILE A 191 19.84 10.08 -5.38
CA ILE A 191 19.35 11.41 -5.66
C ILE A 191 17.93 11.69 -5.18
N GLY A 192 17.39 10.79 -4.39
CA GLY A 192 16.18 11.07 -3.65
C GLY A 192 14.91 11.03 -4.46
N ILE A 193 14.83 10.11 -5.42
CA ILE A 193 13.60 9.91 -6.15
C ILE A 193 13.03 8.54 -5.76
N ARG A 194 11.87 8.54 -5.13
CA ARG A 194 11.20 7.27 -4.79
C ARG A 194 10.49 6.72 -6.01
N VAL A 195 10.38 5.38 -6.06
CA VAL A 195 9.79 4.69 -7.21
C VAL A 195 8.87 3.61 -6.61
N MET A 196 7.58 3.71 -6.94
CA MET A 196 6.54 2.83 -6.43
C MET A 196 5.64 2.37 -7.56
N THR A 197 4.98 1.24 -7.35
CA THR A 197 4.07 0.69 -8.34
C THR A 197 2.73 0.28 -7.70
N ILE A 198 1.62 0.60 -8.38
CA ILE A 198 0.29 0.13 -8.00
C ILE A 198 -0.13 -0.95 -8.99
N ALA A 199 -0.65 -2.07 -8.47
CA ALA A 199 -1.19 -3.17 -9.27
C ALA A 199 -2.70 -3.24 -9.08
N PRO A 200 -3.45 -2.53 -9.94
CA PRO A 200 -4.88 -2.56 -9.80
C PRO A 200 -5.50 -3.89 -10.20
N GLY A 201 -6.68 -4.15 -9.65
N GLY A 201 -6.59 -4.23 -9.53
CA GLY A 201 -7.47 -5.34 -9.96
CA GLY A 201 -7.50 -5.26 -10.01
C GLY A 201 -8.38 -5.10 -11.15
C GLY A 201 -8.46 -4.61 -10.99
N LEU A 202 -9.67 -4.84 -10.88
N LEU A 202 -9.72 -4.94 -10.90
CA LEU A 202 -10.66 -4.53 -11.92
C LEU A 202 -11.29 -3.20 -11.58
N PHE A 203 -11.14 -2.20 -12.46
CA PHE A 203 -11.61 -0.82 -12.25
C PHE A 203 -12.58 -0.34 -13.33
N GLY A 204 -13.54 0.46 -12.92
CA GLY A 204 -14.56 1.00 -13.83
C GLY A 204 -14.08 2.21 -14.62
N THR A 205 -13.11 1.99 -15.49
CA THR A 205 -12.68 2.99 -16.49
C THR A 205 -13.20 2.54 -17.84
N PRO A 206 -12.94 3.32 -18.92
CA PRO A 206 -13.19 2.81 -20.28
C PRO A 206 -12.07 1.95 -20.85
N ASN A 217 -21.37 -6.50 -14.84
CA ASN A 217 -21.96 -7.12 -13.65
C ASN A 217 -21.23 -8.39 -13.23
N PHE A 218 -20.83 -9.19 -14.21
CA PHE A 218 -20.12 -10.44 -13.96
C PHE A 218 -18.75 -10.19 -13.33
N LEU A 219 -18.00 -9.26 -13.91
CA LEU A 219 -16.68 -8.90 -13.36
C LEU A 219 -16.79 -8.37 -11.93
N ALA A 220 -17.78 -7.52 -11.66
CA ALA A 220 -18.00 -6.97 -10.31
C ALA A 220 -18.26 -8.06 -9.26
N SER A 221 -19.02 -9.08 -9.63
CA SER A 221 -19.37 -10.19 -8.72
C SER A 221 -18.18 -11.06 -8.30
N GLN A 222 -17.08 -10.96 -9.05
CA GLN A 222 -15.87 -11.72 -8.76
C GLN A 222 -15.02 -11.11 -7.61
N VAL A 223 -15.26 -9.84 -7.28
CA VAL A 223 -14.46 -9.15 -6.26
C VAL A 223 -14.99 -9.52 -4.86
N PRO A 224 -14.15 -10.08 -3.96
CA PRO A 224 -14.62 -10.45 -2.60
C PRO A 224 -15.29 -9.35 -1.80
N PHE A 225 -14.62 -8.22 -1.56
CA PHE A 225 -15.26 -7.12 -0.86
C PHE A 225 -14.39 -5.88 -0.99
N PRO A 226 -14.99 -4.75 -1.39
CA PRO A 226 -16.39 -4.57 -1.80
C PRO A 226 -16.64 -5.28 -3.14
N SER A 227 -17.81 -5.87 -3.33
CA SER A 227 -18.08 -6.69 -4.51
CA SER A 227 -18.05 -6.68 -4.52
C SER A 227 -18.55 -5.81 -5.68
N ARG A 228 -17.63 -5.03 -6.20
CA ARG A 228 -17.85 -4.10 -7.30
C ARG A 228 -16.52 -3.83 -7.99
N LEU A 229 -16.58 -3.23 -9.17
CA LEU A 229 -15.39 -2.67 -9.79
C LEU A 229 -14.81 -1.58 -8.90
N GLY A 230 -13.49 -1.44 -8.93
CA GLY A 230 -12.86 -0.33 -8.25
C GLY A 230 -13.29 1.00 -8.85
N ASP A 231 -13.38 2.03 -8.02
CA ASP A 231 -13.67 3.39 -8.48
C ASP A 231 -12.35 4.05 -8.84
N PRO A 232 -12.25 4.69 -10.02
CA PRO A 232 -11.00 5.37 -10.35
C PRO A 232 -10.50 6.32 -9.25
N ALA A 233 -11.41 6.94 -8.50
CA ALA A 233 -10.99 7.79 -7.40
C ALA A 233 -10.19 7.04 -6.30
N GLU A 234 -10.39 5.73 -6.17
CA GLU A 234 -9.68 4.90 -5.20
C GLU A 234 -8.24 4.67 -5.64
N TYR A 235 -8.01 4.56 -6.94
CA TYR A 235 -6.64 4.57 -7.47
C TYR A 235 -5.99 5.92 -7.19
N ALA A 236 -6.72 7.01 -7.48
CA ALA A 236 -6.17 8.36 -7.24
C ALA A 236 -5.84 8.58 -5.74
N HIS A 237 -6.69 8.06 -4.85
CA HIS A 237 -6.43 8.15 -3.41
C HIS A 237 -5.12 7.45 -3.03
N LEU A 238 -4.87 6.28 -3.59
CA LEU A 238 -3.64 5.58 -3.29
C LEU A 238 -2.41 6.30 -3.86
N VAL A 239 -2.54 6.87 -5.07
CA VAL A 239 -1.46 7.71 -5.59
C VAL A 239 -1.10 8.82 -4.59
N GLN A 240 -2.14 9.53 -4.12
CA GLN A 240 -1.90 10.61 -3.16
C GLN A 240 -1.25 10.11 -1.89
N ALA A 241 -1.70 8.96 -1.38
CA ALA A 241 -1.10 8.39 -0.18
C ALA A 241 0.39 8.08 -0.39
N ILE A 242 0.76 7.55 -1.56
CA ILE A 242 2.15 7.30 -1.87
C ILE A 242 2.97 8.60 -1.90
N ILE A 243 2.44 9.64 -2.54
CA ILE A 243 3.18 10.93 -2.62
C ILE A 243 3.40 11.47 -1.20
N GLU A 244 2.38 11.32 -0.35
CA GLU A 244 2.41 11.89 1.00
C GLU A 244 3.30 11.15 1.98
N ASN A 245 3.48 9.83 1.81
CA ASN A 245 4.23 9.02 2.78
C ASN A 245 5.70 8.90 2.36
N PRO A 246 6.62 9.54 3.10
CA PRO A 246 8.01 9.53 2.66
C PRO A 246 8.72 8.20 2.70
N PHE A 247 8.14 7.18 3.34
CA PHE A 247 8.86 5.93 3.56
C PHE A 247 8.39 4.78 2.62
N LEU A 248 7.43 5.05 1.74
CA LEU A 248 7.01 4.06 0.72
C LEU A 248 7.97 4.12 -0.47
N ASN A 249 8.75 3.06 -0.66
CA ASN A 249 9.68 3.02 -1.78
C ASN A 249 9.94 1.58 -2.21
N GLY A 250 10.06 1.39 -3.53
CA GLY A 250 10.54 0.12 -4.06
C GLY A 250 9.55 -1.04 -3.97
N GLU A 251 8.27 -0.72 -3.82
CA GLU A 251 7.21 -1.66 -3.52
C GLU A 251 6.07 -1.62 -4.56
N VAL A 252 5.37 -2.75 -4.67
CA VAL A 252 4.16 -2.92 -5.48
C VAL A 252 2.99 -3.14 -4.52
N ILE A 253 1.93 -2.36 -4.69
CA ILE A 253 0.73 -2.46 -3.85
C ILE A 253 -0.45 -2.88 -4.71
N ARG A 254 -1.04 -4.02 -4.37
CA ARG A 254 -2.27 -4.48 -5.01
C ARG A 254 -3.46 -3.67 -4.49
N LEU A 255 -4.29 -3.19 -5.43
CA LEU A 255 -5.47 -2.41 -5.10
C LEU A 255 -6.64 -3.10 -5.82
N ASP A 256 -7.33 -3.99 -5.13
CA ASP A 256 -8.11 -5.00 -5.84
C ASP A 256 -9.26 -5.66 -5.11
N GLY A 257 -9.65 -5.17 -3.94
CA GLY A 257 -10.79 -5.77 -3.26
C GLY A 257 -10.61 -7.24 -2.86
N ALA A 258 -9.34 -7.66 -2.75
CA ALA A 258 -8.93 -9.03 -2.39
C ALA A 258 -9.17 -10.06 -3.50
N ILE A 259 -9.38 -9.61 -4.73
CA ILE A 259 -9.58 -10.57 -5.83
C ILE A 259 -8.32 -11.36 -6.07
N ARG A 260 -8.48 -12.62 -6.49
CA ARG A 260 -7.40 -13.39 -7.12
C ARG A 260 -8.04 -13.93 -8.39
N MET A 261 -7.43 -13.66 -9.54
CA MET A 261 -8.08 -13.95 -10.81
C MET A 261 -8.10 -15.43 -11.10
N GLN A 262 -9.27 -15.94 -11.49
CA GLN A 262 -9.43 -17.31 -11.96
C GLN A 262 -8.82 -17.44 -13.36
N PRO A 263 -8.55 -18.68 -13.81
CA PRO A 263 -7.83 -18.81 -15.07
C PRO A 263 -8.54 -18.21 -16.27
N GLY A 264 -9.86 -18.27 -16.25
CA GLY A 264 -10.66 -17.78 -17.37
C GLY A 264 -10.62 -18.74 -18.54
N SER A 265 -11.09 -18.27 -19.68
CA SER A 265 -11.13 -19.07 -20.90
C SER A 265 -10.93 -18.16 -22.10
N MET B 3 -19.56 8.33 -7.85
CA MET B 3 -18.51 7.70 -6.98
C MET B 3 -19.10 6.79 -5.93
N ALA B 4 -18.62 5.56 -5.84
CA ALA B 4 -19.32 4.53 -5.08
C ALA B 4 -19.44 4.95 -3.61
N ALA B 5 -20.61 4.82 -3.01
CA ALA B 5 -20.79 5.21 -1.61
C ALA B 5 -19.89 4.32 -0.72
N ALA B 6 -19.21 4.95 0.24
CA ALA B 6 -18.27 4.27 1.12
C ALA B 6 -17.88 5.20 2.25
N CYS B 7 -17.27 4.62 3.28
CA CYS B 7 -16.58 5.39 4.30
C CYS B 7 -15.17 5.70 3.83
N ARG B 8 -14.85 7.00 3.76
CA ARG B 8 -13.59 7.49 3.29
CA ARG B 8 -13.54 7.45 3.33
C ARG B 8 -12.95 8.44 4.31
N SER B 9 -13.34 8.32 5.57
CA SER B 9 -12.84 9.16 6.65
C SER B 9 -12.71 8.39 7.95
N VAL B 10 -11.68 8.70 8.75
CA VAL B 10 -11.55 8.15 10.10
C VAL B 10 -12.37 8.93 11.13
N LYS B 11 -12.87 10.11 10.78
CA LYS B 11 -13.57 10.93 11.78
C LYS B 11 -14.82 10.25 12.29
N GLY B 12 -14.94 10.15 13.61
CA GLY B 12 -16.09 9.48 14.22
C GLY B 12 -15.93 7.97 14.40
N LEU B 13 -14.89 7.35 13.83
CA LEU B 13 -14.67 5.91 13.96
C LEU B 13 -14.06 5.61 15.32
N VAL B 14 -14.22 4.36 15.76
CA VAL B 14 -13.60 3.83 16.99
C VAL B 14 -12.64 2.71 16.61
N ALA B 15 -11.39 2.85 17.03
CA ALA B 15 -10.32 1.90 16.75
C ALA B 15 -9.83 1.24 18.02
N VAL B 16 -9.73 -0.09 18.00
CA VAL B 16 -9.02 -0.84 19.07
C VAL B 16 -7.62 -1.14 18.55
N ILE B 17 -6.60 -0.69 19.29
CA ILE B 17 -5.22 -0.77 18.85
C ILE B 17 -4.41 -1.61 19.85
N THR B 18 -4.05 -2.82 19.47
CA THR B 18 -3.24 -3.66 20.34
C THR B 18 -1.81 -3.18 20.27
N GLY B 19 -1.07 -3.31 21.37
CA GLY B 19 0.24 -2.68 21.44
C GLY B 19 0.19 -1.17 21.49
N GLY B 20 -0.97 -0.62 21.87
CA GLY B 20 -1.18 0.82 21.79
C GLY B 20 -0.45 1.69 22.78
N ALA B 21 0.17 1.08 23.78
CA ALA B 21 0.92 1.85 24.78
C ALA B 21 2.27 2.33 24.28
N SER B 22 2.76 1.83 23.14
CA SER B 22 4.13 2.12 22.72
C SER B 22 4.26 2.11 21.21
N GLY B 23 5.31 2.74 20.72
CA GLY B 23 5.79 2.48 19.38
C GLY B 23 4.78 2.73 18.29
N LEU B 24 4.66 1.77 17.38
CA LEU B 24 3.80 1.92 16.22
C LEU B 24 2.33 2.04 16.61
N GLY B 25 1.92 1.25 17.61
CA GLY B 25 0.53 1.33 18.07
C GLY B 25 0.21 2.68 18.70
N LEU B 26 1.11 3.19 19.53
CA LEU B 26 0.90 4.51 20.15
C LEU B 26 0.85 5.60 19.08
N ALA B 27 1.75 5.55 18.10
CA ALA B 27 1.76 6.54 17.00
C ALA B 27 0.43 6.50 16.25
N THR B 28 -0.07 5.29 16.06
CA THR B 28 -1.37 5.14 15.38
C THR B 28 -2.49 5.79 16.19
N ALA B 29 -2.54 5.51 17.50
CA ALA B 29 -3.54 6.11 18.38
C ALA B 29 -3.43 7.64 18.32
N GLU B 30 -2.21 8.17 18.40
CA GLU B 30 -2.01 9.63 18.38
C GLU B 30 -2.59 10.24 17.08
N ARG B 31 -2.30 9.61 15.95
CA ARG B 31 -2.75 10.14 14.67
C ARG B 31 -4.27 10.04 14.58
N LEU B 32 -4.83 8.90 14.93
CA LEU B 32 -6.26 8.74 14.76
C LEU B 32 -7.06 9.66 15.69
N VAL B 33 -6.62 9.77 16.94
CA VAL B 33 -7.31 10.69 17.86
C VAL B 33 -7.20 12.14 17.33
N GLY B 34 -6.03 12.52 16.80
CA GLY B 34 -5.89 13.85 16.23
C GLY B 34 -6.75 14.14 15.02
N GLN B 35 -7.10 13.07 14.29
CA GLN B 35 -7.95 13.12 13.10
C GLN B 35 -9.45 12.91 13.42
N GLY B 36 -9.82 12.88 14.70
CA GLY B 36 -11.22 12.81 15.10
C GLY B 36 -11.83 11.45 15.39
N ALA B 37 -10.98 10.43 15.48
CA ALA B 37 -11.43 9.09 15.87
C ALA B 37 -11.27 8.91 17.37
N SER B 38 -11.81 7.82 17.90
CA SER B 38 -11.61 7.41 19.29
C SER B 38 -10.74 6.16 19.28
N ALA B 39 -9.91 5.99 20.30
CA ALA B 39 -8.94 4.89 20.35
C ALA B 39 -9.03 4.17 21.69
N VAL B 40 -8.97 2.84 21.63
CA VAL B 40 -8.82 2.00 22.81
C VAL B 40 -7.42 1.38 22.69
N LEU B 41 -6.55 1.69 23.65
CA LEU B 41 -5.19 1.11 23.72
C LEU B 41 -5.26 -0.21 24.46
N LEU B 42 -5.10 -1.31 23.72
CA LEU B 42 -5.16 -2.64 24.32
C LEU B 42 -3.71 -3.06 24.49
N ASP B 43 -3.27 -3.16 25.75
CA ASP B 43 -1.88 -3.46 26.03
C ASP B 43 -1.79 -4.09 27.42
N LEU B 44 -0.61 -4.57 27.77
CA LEU B 44 -0.43 -5.35 29.03
C LEU B 44 -0.66 -4.51 30.26
N PRO B 45 -1.14 -5.13 31.34
CA PRO B 45 -1.38 -4.38 32.58
C PRO B 45 -0.16 -3.70 33.16
N ASN B 46 1.04 -4.21 32.87
CA ASN B 46 2.29 -3.61 33.34
CA ASN B 46 2.28 -3.60 33.36
C ASN B 46 2.91 -2.62 32.37
N SER B 47 2.19 -2.26 31.31
CA SER B 47 2.61 -1.23 30.39
C SER B 47 2.21 0.15 30.93
N GLY B 48 2.61 1.18 30.22
CA GLY B 48 2.22 2.55 30.51
C GLY B 48 0.94 2.99 29.81
N GLY B 49 0.09 2.05 29.44
CA GLY B 49 -1.10 2.37 28.68
C GLY B 49 -2.02 3.37 29.34
N GLU B 50 -2.19 3.29 30.67
CA GLU B 50 -3.09 4.22 31.34
C GLU B 50 -2.58 5.67 31.24
N ALA B 51 -1.29 5.86 31.48
CA ALA B 51 -0.68 7.18 31.37
C ALA B 51 -0.80 7.69 29.93
N GLN B 52 -0.60 6.81 28.94
CA GLN B 52 -0.71 7.24 27.54
C GLN B 52 -2.13 7.63 27.17
N ALA B 53 -3.12 6.89 27.65
CA ALA B 53 -4.51 7.17 27.36
C ALA B 53 -4.93 8.49 28.01
N LYS B 54 -4.44 8.76 29.22
CA LYS B 54 -4.77 10.03 29.87
C LYS B 54 -4.22 11.20 29.05
N LYS B 55 -2.99 11.09 28.55
CA LYS B 55 -2.38 12.14 27.75
C LYS B 55 -3.17 12.42 26.48
N LEU B 56 -3.73 11.39 25.88
CA LEU B 56 -4.45 11.55 24.64
C LEU B 56 -5.87 12.10 24.78
N GLY B 57 -6.37 12.18 26.01
CA GLY B 57 -7.65 12.83 26.29
C GLY B 57 -8.87 11.94 26.30
N ASN B 58 -10.04 12.57 26.26
CA ASN B 58 -11.28 11.88 26.53
C ASN B 58 -11.71 10.90 25.45
N ASN B 59 -11.12 10.99 24.26
CA ASN B 59 -11.41 10.06 23.17
C ASN B 59 -10.41 8.89 23.11
N CYS B 60 -9.70 8.64 24.20
CA CYS B 60 -8.78 7.53 24.31
C CYS B 60 -8.88 6.89 25.68
N VAL B 61 -9.03 5.55 25.72
CA VAL B 61 -9.00 4.83 27.00
CA VAL B 61 -9.10 4.76 26.95
C VAL B 61 -8.07 3.63 26.90
N PHE B 62 -7.60 3.18 28.05
CA PHE B 62 -6.73 2.00 28.17
C PHE B 62 -7.57 0.79 28.55
N ALA B 63 -7.36 -0.29 27.84
CA ALA B 63 -7.94 -1.59 28.12
C ALA B 63 -6.82 -2.60 28.41
N PRO B 64 -6.57 -2.89 29.69
CA PRO B 64 -5.51 -3.84 30.00
C PRO B 64 -5.87 -5.25 29.52
N ALA B 65 -4.94 -5.90 28.85
CA ALA B 65 -5.16 -7.24 28.33
C ALA B 65 -3.89 -7.82 27.74
N ASP B 66 -3.72 -9.13 27.90
CA ASP B 66 -2.72 -9.93 27.17
C ASP B 66 -3.43 -10.53 25.96
N VAL B 67 -2.94 -10.21 24.76
CA VAL B 67 -3.59 -10.69 23.53
C VAL B 67 -3.62 -12.23 23.40
N THR B 68 -2.79 -12.93 24.17
CA THR B 68 -2.78 -14.39 24.16
C THR B 68 -3.92 -15.03 24.98
N SER B 69 -4.68 -14.22 25.71
CA SER B 69 -5.75 -14.67 26.57
C SER B 69 -7.12 -14.38 25.97
N GLU B 70 -7.93 -15.42 25.78
CA GLU B 70 -9.30 -15.24 25.35
C GLU B 70 -10.08 -14.34 26.31
N LYS B 71 -10.04 -14.64 27.59
CA LYS B 71 -10.78 -13.86 28.60
C LYS B 71 -10.35 -12.40 28.62
N ASP B 72 -9.04 -12.14 28.53
CA ASP B 72 -8.58 -10.74 28.57
C ASP B 72 -9.05 -9.94 27.37
N VAL B 73 -8.98 -10.52 26.17
CA VAL B 73 -9.42 -9.83 24.98
C VAL B 73 -10.93 -9.61 25.02
N GLN B 74 -11.68 -10.61 25.50
CA GLN B 74 -13.11 -10.40 25.69
C GLN B 74 -13.41 -9.24 26.63
N THR B 75 -12.65 -9.14 27.72
CA THR B 75 -12.83 -8.05 28.69
C THR B 75 -12.53 -6.70 28.03
N ALA B 76 -11.46 -6.63 27.23
CA ALA B 76 -11.06 -5.39 26.59
C ALA B 76 -12.11 -4.94 25.57
N LEU B 77 -12.66 -5.88 24.81
CA LEU B 77 -13.65 -5.52 23.81
C LEU B 77 -14.96 -5.08 24.45
N ALA B 78 -15.30 -5.68 25.58
CA ALA B 78 -16.52 -5.26 26.33
C ALA B 78 -16.32 -3.84 26.90
N LEU B 79 -15.10 -3.55 27.34
CA LEU B 79 -14.74 -2.20 27.81
C LEU B 79 -14.89 -1.18 26.66
N ALA B 80 -14.36 -1.52 25.48
CA ALA B 80 -14.47 -0.68 24.30
C ALA B 80 -15.92 -0.37 23.96
N LYS B 81 -16.75 -1.40 23.93
CA LYS B 81 -18.18 -1.26 23.64
C LYS B 81 -18.89 -0.41 24.70
N GLY B 82 -18.55 -0.62 25.96
CA GLY B 82 -19.15 0.16 27.04
C GLY B 82 -18.81 1.64 26.95
N LYS B 83 -17.60 1.94 26.52
CA LYS B 83 -17.13 3.32 26.48
C LYS B 83 -17.56 4.07 25.23
N PHE B 84 -17.36 3.44 24.08
CA PHE B 84 -17.54 4.09 22.79
C PHE B 84 -18.65 3.53 21.88
N GLY B 85 -19.21 2.38 22.28
N GLY B 85 -19.31 2.44 22.29
CA GLY B 85 -20.19 1.65 21.50
CA GLY B 85 -20.58 2.02 21.70
C GLY B 85 -19.56 0.80 20.41
C GLY B 85 -20.46 1.05 20.53
N ARG B 86 -19.89 1.15 19.19
N ARG B 86 -19.31 1.02 19.90
CA ARG B 86 -19.45 0.46 17.98
CA ARG B 86 -19.13 0.23 18.71
C ARG B 86 -17.92 0.49 17.83
C ARG B 86 -17.62 0.15 18.45
N VAL B 87 -17.29 -0.67 17.57
N VAL B 87 -17.24 -0.75 17.56
CA VAL B 87 -15.86 -0.77 17.10
C VAL B 87 -15.85 -0.88 15.58
N ASP B 88 -15.16 0.05 14.92
CA ASP B 88 -15.08 0.12 13.46
C ASP B 88 -13.76 -0.45 12.91
N VAL B 89 -12.70 -0.34 13.70
CA VAL B 89 -11.34 -0.62 13.23
C VAL B 89 -10.59 -1.38 14.31
N ALA B 90 -9.80 -2.36 13.90
CA ALA B 90 -8.83 -2.99 14.79
C ALA B 90 -7.46 -2.94 14.14
N VAL B 91 -6.45 -2.58 14.93
CA VAL B 91 -5.06 -2.54 14.48
C VAL B 91 -4.24 -3.42 15.43
N ASN B 92 -3.61 -4.45 14.88
CA ASN B 92 -2.77 -5.37 15.67
C ASN B 92 -1.33 -4.97 15.60
N CYS B 93 -0.84 -4.29 16.65
CA CYS B 93 0.57 -3.94 16.79
C CYS B 93 1.27 -4.69 17.94
N ALA B 94 0.55 -5.38 18.80
CA ALA B 94 1.18 -6.09 19.92
C ALA B 94 2.18 -7.09 19.34
N GLY B 95 3.40 -7.10 19.87
CA GLY B 95 4.42 -8.03 19.38
C GLY B 95 5.67 -7.95 20.19
N ILE B 96 6.44 -9.01 20.08
CA ILE B 96 7.74 -9.15 20.72
C ILE B 96 8.76 -9.71 19.73
N ALA B 97 10.04 -9.66 20.11
CA ALA B 97 11.08 -10.17 19.27
C ALA B 97 12.08 -11.00 20.08
N VAL B 98 12.84 -11.83 19.38
CA VAL B 98 13.95 -12.58 19.94
CA VAL B 98 13.99 -12.52 19.96
C VAL B 98 15.02 -12.61 18.86
N ALA B 99 16.28 -12.67 19.27
CA ALA B 99 17.40 -12.87 18.36
C ALA B 99 18.09 -14.12 18.86
N SER B 100 18.00 -15.21 18.12
CA SER B 100 18.56 -16.48 18.52
C SER B 100 18.74 -17.35 17.28
N LYS B 101 19.96 -17.83 17.05
CA LYS B 101 20.24 -18.71 15.91
C LYS B 101 19.60 -20.08 16.13
N THR B 102 19.13 -20.70 15.04
CA THR B 102 18.60 -22.06 15.11
C THR B 102 19.58 -23.02 15.82
N TYR B 103 20.82 -23.00 15.37
CA TYR B 103 21.92 -23.78 15.94
C TYR B 103 23.20 -23.02 15.68
N ASN B 104 24.10 -23.03 16.66
CA ASN B 104 25.40 -22.37 16.57
C ASN B 104 26.45 -23.42 16.93
N LEU B 105 27.21 -23.88 15.93
CA LEU B 105 28.17 -24.98 16.13
C LEU B 105 29.33 -24.55 17.01
N LYS B 106 29.82 -23.32 16.80
CA LYS B 106 30.97 -22.82 17.56
C LYS B 106 30.69 -22.83 19.07
N LYS B 107 29.48 -22.38 19.43
CA LYS B 107 29.08 -22.32 20.84
C LYS B 107 28.38 -23.59 21.34
N GLY B 108 27.96 -24.46 20.41
CA GLY B 108 27.21 -25.65 20.79
C GLY B 108 25.87 -25.27 21.39
N GLN B 109 25.23 -24.27 20.79
CA GLN B 109 24.01 -23.71 21.35
C GLN B 109 22.84 -23.89 20.39
N THR B 110 21.73 -24.38 20.93
CA THR B 110 20.53 -24.61 20.14
C THR B 110 19.43 -23.64 20.57
N HIS B 111 18.70 -23.09 19.61
CA HIS B 111 17.53 -22.25 19.89
C HIS B 111 16.63 -23.01 20.85
N THR B 112 16.11 -22.36 21.89
CA THR B 112 15.22 -23.07 22.81
C THR B 112 13.83 -23.19 22.18
N LEU B 113 13.13 -24.25 22.53
CA LEU B 113 11.76 -24.40 22.07
C LEU B 113 10.88 -23.32 22.65
N GLU B 114 11.12 -22.96 23.91
CA GLU B 114 10.26 -21.98 24.58
CA GLU B 114 10.33 -21.96 24.62
C GLU B 114 10.37 -20.59 23.94
N ASP B 115 11.56 -20.21 23.49
CA ASP B 115 11.68 -18.91 22.80
C ASP B 115 10.86 -18.88 21.50
N PHE B 116 10.89 -19.99 20.75
CA PHE B 116 10.08 -20.07 19.53
C PHE B 116 8.58 -19.99 19.87
N GLN B 117 8.16 -20.77 20.87
CA GLN B 117 6.77 -20.83 21.24
C GLN B 117 6.27 -19.45 21.72
N ARG B 118 7.07 -18.73 22.50
CA ARG B 118 6.60 -17.47 23.06
CA ARG B 118 6.62 -17.47 23.06
C ARG B 118 6.38 -16.43 21.97
N VAL B 119 7.29 -16.35 21.01
CA VAL B 119 7.16 -15.40 19.92
C VAL B 119 5.96 -15.75 19.06
N LEU B 120 5.79 -17.03 18.73
CA LEU B 120 4.61 -17.43 17.99
C LEU B 120 3.32 -17.11 18.74
N ASP B 121 3.30 -17.37 20.05
CA ASP B 121 2.07 -17.18 20.83
C ASP B 121 1.66 -15.71 20.83
N VAL B 122 2.59 -14.80 21.10
CA VAL B 122 2.22 -13.38 21.16
C VAL B 122 1.93 -12.82 19.76
N ASN B 123 2.84 -13.05 18.83
CA ASN B 123 2.79 -12.35 17.56
C ASN B 123 1.73 -12.90 16.63
N LEU B 124 1.61 -14.22 16.59
CA LEU B 124 0.76 -14.88 15.59
C LEU B 124 -0.57 -15.30 16.22
N MET B 125 -0.50 -16.17 17.25
CA MET B 125 -1.72 -16.58 17.93
C MET B 125 -2.42 -15.37 18.54
N GLY B 126 -1.69 -14.42 19.14
CA GLY B 126 -2.36 -13.27 19.75
C GLY B 126 -3.08 -12.40 18.73
N THR B 127 -2.46 -12.19 17.56
CA THR B 127 -3.11 -11.46 16.49
C THR B 127 -4.39 -12.20 16.05
N PHE B 128 -4.34 -13.51 15.85
CA PHE B 128 -5.53 -14.26 15.49
C PHE B 128 -6.61 -14.19 16.57
N ASN B 129 -6.22 -14.27 17.82
CA ASN B 129 -7.18 -14.18 18.91
C ASN B 129 -7.94 -12.87 18.88
N VAL B 130 -7.21 -11.76 18.68
CA VAL B 130 -7.89 -10.50 18.55
C VAL B 130 -8.79 -10.45 17.33
N ILE B 131 -8.30 -10.94 16.19
CA ILE B 131 -9.11 -10.94 14.95
C ILE B 131 -10.42 -11.68 15.14
N ARG B 132 -10.36 -12.92 15.66
CA ARG B 132 -11.55 -13.75 15.68
C ARG B 132 -12.61 -13.12 16.61
N LEU B 133 -12.17 -12.52 17.71
CA LEU B 133 -13.10 -11.90 18.67
C LEU B 133 -13.61 -10.53 18.20
N VAL B 134 -12.74 -9.70 17.61
CA VAL B 134 -13.24 -8.40 17.12
CA VAL B 134 -13.20 -8.41 17.08
C VAL B 134 -14.13 -8.63 15.89
N ALA B 135 -13.87 -9.68 15.10
CA ALA B 135 -14.75 -9.95 13.96
C ALA B 135 -16.17 -10.23 14.41
N GLY B 136 -16.31 -10.93 15.52
CA GLY B 136 -17.64 -11.23 16.06
C GLY B 136 -18.34 -9.98 16.52
N GLU B 137 -17.59 -9.04 17.10
CA GLU B 137 -18.13 -7.74 17.50
C GLU B 137 -18.54 -6.91 16.29
N MET B 138 -17.65 -6.82 15.31
CA MET B 138 -17.93 -6.08 14.07
C MET B 138 -19.10 -6.67 13.31
N GLY B 139 -19.26 -7.99 13.39
CA GLY B 139 -20.37 -8.63 12.72
C GLY B 139 -21.74 -8.17 13.18
N GLN B 140 -21.82 -7.63 14.39
CA GLN B 140 -23.07 -7.09 14.92
C GLN B 140 -23.38 -5.68 14.43
N ASN B 141 -22.39 -5.04 13.80
CA ASN B 141 -22.54 -3.65 13.33
C ASN B 141 -23.50 -3.59 12.16
N GLU B 142 -24.36 -2.57 12.14
CA GLU B 142 -25.06 -2.22 10.90
C GLU B 142 -24.02 -1.80 9.86
N PRO B 143 -24.10 -2.32 8.63
CA PRO B 143 -23.14 -1.89 7.62
C PRO B 143 -23.17 -0.40 7.36
N ASP B 144 -22.04 0.14 6.92
CA ASP B 144 -21.91 1.53 6.54
C ASP B 144 -22.46 1.71 5.12
N GLN B 145 -22.25 2.92 4.56
CA GLN B 145 -22.83 3.25 3.26
C GLN B 145 -22.29 2.38 2.10
N GLY B 146 -21.14 1.76 2.30
CA GLY B 146 -20.53 0.85 1.32
C GLY B 146 -20.57 -0.62 1.74
N GLY B 147 -21.49 -0.97 2.65
CA GLY B 147 -21.65 -2.38 3.06
C GLY B 147 -20.60 -2.88 4.04
N GLN B 148 -19.76 -1.99 4.55
CA GLN B 148 -18.66 -2.37 5.42
C GLN B 148 -19.05 -2.33 6.88
N ARG B 149 -18.68 -3.38 7.59
CA ARG B 149 -18.86 -3.49 9.03
C ARG B 149 -17.57 -3.26 9.83
N GLY B 150 -16.41 -3.42 9.19
CA GLY B 150 -15.14 -3.25 9.89
C GLY B 150 -13.96 -3.25 8.95
N VAL B 151 -12.82 -2.83 9.51
CA VAL B 151 -11.53 -3.04 8.86
CA VAL B 151 -11.49 -2.94 8.88
C VAL B 151 -10.50 -3.42 9.93
N ILE B 152 -9.75 -4.46 9.61
CA ILE B 152 -8.74 -5.01 10.48
C ILE B 152 -7.37 -4.89 9.78
N ILE B 153 -6.41 -4.28 10.48
CA ILE B 153 -5.06 -4.07 9.98
C ILE B 153 -4.07 -4.73 10.91
N ASN B 154 -3.27 -5.61 10.33
CA ASN B 154 -2.24 -6.36 11.06
C ASN B 154 -0.85 -5.85 10.78
N THR B 155 0.09 -6.16 11.66
CA THR B 155 1.49 -5.80 11.48
C THR B 155 2.33 -7.06 11.31
N ALA B 156 2.88 -7.22 10.11
CA ALA B 156 3.85 -8.27 9.85
C ALA B 156 5.25 -7.63 10.01
N SER B 157 6.13 -7.83 9.05
CA SER B 157 7.50 -7.30 9.00
C SER B 157 8.07 -7.70 7.66
N VAL B 158 9.06 -6.96 7.19
CA VAL B 158 9.85 -7.42 6.08
C VAL B 158 10.59 -8.75 6.38
N ALA B 159 10.73 -9.10 7.66
CA ALA B 159 11.30 -10.40 8.07
C ALA B 159 10.46 -11.57 7.60
N ALA B 160 9.20 -11.34 7.24
CA ALA B 160 8.38 -12.39 6.64
C ALA B 160 8.92 -12.83 5.27
N PHE B 161 9.70 -11.97 4.62
CA PHE B 161 10.21 -12.16 3.28
C PHE B 161 11.74 -12.30 3.21
N GLU B 162 12.49 -11.61 4.06
CA GLU B 162 13.96 -11.65 4.07
C GLU B 162 14.50 -11.75 5.48
N GLY B 163 14.03 -12.72 6.25
CA GLY B 163 14.50 -12.82 7.63
C GLY B 163 16.00 -13.02 7.72
N GLN B 164 16.61 -12.38 8.71
CA GLN B 164 18.07 -12.44 8.91
C GLN B 164 18.48 -13.60 9.82
N VAL B 165 19.78 -13.82 9.87
CA VAL B 165 20.36 -14.73 10.85
C VAL B 165 19.85 -14.32 12.23
N GLY B 166 19.38 -15.29 12.99
CA GLY B 166 18.86 -15.08 14.35
C GLY B 166 17.37 -14.78 14.40
N GLN B 167 16.70 -14.64 13.26
CA GLN B 167 15.30 -14.21 13.18
CA GLN B 167 15.30 -14.23 13.25
C GLN B 167 14.32 -15.34 12.84
N ALA B 168 14.70 -16.61 13.00
CA ALA B 168 13.80 -17.69 12.61
C ALA B 168 12.43 -17.60 13.27
N ALA B 169 12.39 -17.39 14.60
CA ALA B 169 11.15 -17.37 15.34
C ALA B 169 10.29 -16.17 14.92
N TYR B 170 10.90 -15.00 14.87
CA TYR B 170 10.19 -13.79 14.50
C TYR B 170 9.67 -13.90 13.06
N SER B 171 10.48 -14.39 12.15
CA SER B 171 10.10 -14.56 10.74
C SER B 171 8.98 -15.58 10.58
N ALA B 172 9.01 -16.67 11.35
CA ALA B 172 7.90 -17.63 11.35
C ALA B 172 6.61 -16.93 11.75
N SER B 173 6.65 -16.14 12.82
CA SER B 173 5.45 -15.50 13.33
C SER B 173 4.88 -14.52 12.30
N LYS B 174 5.76 -13.75 11.64
CA LYS B 174 5.31 -12.71 10.72
C LYS B 174 4.95 -13.30 9.36
N GLY B 175 5.62 -14.37 8.95
CA GLY B 175 5.15 -15.12 7.78
C GLY B 175 3.79 -15.73 7.98
N GLY B 176 3.48 -16.13 9.23
CA GLY B 176 2.13 -16.59 9.54
C GLY B 176 1.09 -15.50 9.34
N ILE B 177 1.42 -14.29 9.78
CA ILE B 177 0.54 -13.13 9.60
CA ILE B 177 0.50 -13.18 9.61
C ILE B 177 0.25 -12.91 8.12
N VAL B 178 1.32 -12.90 7.32
CA VAL B 178 1.18 -12.77 5.86
C VAL B 178 0.30 -13.89 5.30
N GLY B 179 0.60 -15.13 5.66
CA GLY B 179 -0.13 -16.27 5.12
C GLY B 179 -1.62 -16.26 5.40
N MET B 180 -2.01 -15.79 6.59
CA MET B 180 -3.43 -15.82 6.94
C MET B 180 -4.21 -14.58 6.51
N THR B 181 -3.55 -13.56 5.95
CA THR B 181 -4.24 -12.33 5.60
C THR B 181 -5.33 -12.59 4.56
N LEU B 182 -4.98 -13.28 3.49
CA LEU B 182 -5.97 -13.54 2.44
C LEU B 182 -7.14 -14.46 2.89
N PRO B 183 -6.88 -15.65 3.52
CA PRO B 183 -8.01 -16.48 3.94
C PRO B 183 -8.92 -15.77 4.91
N ILE B 184 -8.38 -14.96 5.81
CA ILE B 184 -9.27 -14.23 6.74
C ILE B 184 -10.07 -13.16 5.96
N ALA B 185 -9.42 -12.45 5.03
CA ALA B 185 -10.18 -11.51 4.16
C ALA B 185 -11.31 -12.25 3.42
N ARG B 186 -11.02 -13.46 2.93
CA ARG B 186 -12.04 -14.26 2.24
C ARG B 186 -13.16 -14.71 3.19
N ASP B 187 -12.80 -15.15 4.40
CA ASP B 187 -13.79 -15.56 5.41
C ASP B 187 -14.77 -14.43 5.69
N LEU B 188 -14.23 -13.21 5.84
CA LEU B 188 -15.01 -12.07 6.32
C LEU B 188 -15.61 -11.18 5.22
N ALA B 189 -15.29 -11.50 3.97
CA ALA B 189 -15.80 -10.72 2.85
C ALA B 189 -17.34 -10.68 2.78
N PRO B 190 -18.04 -11.81 3.01
CA PRO B 190 -19.50 -11.78 2.97
C PRO B 190 -20.16 -10.92 4.01
N ILE B 191 -19.43 -10.56 5.07
CA ILE B 191 -19.97 -9.66 6.07
C ILE B 191 -19.33 -8.29 6.09
N GLY B 192 -18.49 -8.01 5.09
CA GLY B 192 -17.99 -6.64 4.91
C GLY B 192 -16.92 -6.22 5.89
N ILE B 193 -16.02 -7.13 6.25
CA ILE B 193 -14.85 -6.72 7.05
C ILE B 193 -13.59 -6.89 6.21
N ARG B 194 -12.94 -5.76 5.91
CA ARG B 194 -11.67 -5.81 5.20
C ARG B 194 -10.53 -6.22 6.14
N VAL B 195 -9.57 -6.94 5.58
CA VAL B 195 -8.39 -7.41 6.32
C VAL B 195 -7.15 -7.08 5.49
N MET B 196 -6.25 -6.28 6.09
CA MET B 196 -5.02 -5.79 5.47
C MET B 196 -3.83 -5.96 6.41
N THR B 197 -2.61 -6.01 5.86
CA THR B 197 -1.40 -6.15 6.62
C THR B 197 -0.35 -5.17 6.14
N ILE B 198 0.34 -4.54 7.09
CA ILE B 198 1.50 -3.71 6.83
C ILE B 198 2.74 -4.50 7.27
N ALA B 199 3.76 -4.51 6.40
CA ALA B 199 5.05 -5.12 6.69
C ALA B 199 6.13 -4.03 6.85
N PRO B 200 6.32 -3.52 8.08
CA PRO B 200 7.34 -2.51 8.23
C PRO B 200 8.75 -3.03 8.06
N GLY B 201 9.65 -2.12 7.67
N GLY B 201 9.63 -2.15 7.59
CA GLY B 201 11.10 -2.41 7.60
CA GLY B 201 11.04 -2.35 7.71
C GLY B 201 11.80 -2.25 8.94
C GLY B 201 11.45 -1.85 9.09
N LEU B 202 12.45 -1.10 9.16
N LEU B 202 12.56 -1.15 9.15
CA LEU B 202 13.13 -0.77 10.42
C LEU B 202 12.65 0.59 10.87
N PHE B 203 12.01 0.64 12.04
CA PHE B 203 11.39 1.87 12.59
C PHE B 203 11.97 2.23 13.94
N GLY B 204 12.06 3.54 14.18
CA GLY B 204 12.58 4.05 15.46
C GLY B 204 11.58 4.05 16.60
N THR B 205 11.29 2.87 17.11
CA THR B 205 10.47 2.68 18.31
C THR B 205 11.38 2.14 19.40
N PRO B 206 10.86 1.99 20.65
CA PRO B 206 11.67 1.35 21.70
C PRO B 206 12.12 -0.09 21.39
N LEU B 207 11.52 -0.73 20.39
CA LEU B 207 12.07 -1.98 19.87
C LEU B 207 13.52 -1.76 19.35
N LEU B 208 13.79 -0.63 18.69
CA LEU B 208 15.15 -0.28 18.23
C LEU B 208 15.80 0.78 19.12
N ASN B 217 22.77 3.80 14.28
CA ASN B 217 23.17 4.48 13.04
C ASN B 217 23.44 3.52 11.88
N PHE B 218 23.96 2.33 12.19
CA PHE B 218 24.27 1.35 11.15
C PHE B 218 23.02 0.78 10.52
N LEU B 219 21.98 0.57 11.34
CA LEU B 219 20.70 0.12 10.84
C LEU B 219 20.14 1.16 9.87
N ALA B 220 20.17 2.43 10.25
CA ALA B 220 19.70 3.51 9.38
C ALA B 220 20.39 3.50 8.01
N SER B 221 21.70 3.19 8.00
CA SER B 221 22.50 3.30 6.77
C SER B 221 22.19 2.26 5.68
N GLN B 222 21.49 1.18 6.05
CA GLN B 222 21.10 0.11 5.09
C GLN B 222 19.86 0.44 4.22
N VAL B 223 19.10 1.43 4.61
CA VAL B 223 17.85 1.76 3.90
C VAL B 223 18.21 2.60 2.64
N PRO B 224 17.79 2.14 1.42
CA PRO B 224 18.14 2.94 0.22
C PRO B 224 17.71 4.40 0.23
N PHE B 225 16.43 4.68 0.40
CA PHE B 225 15.99 6.06 0.48
C PHE B 225 14.55 6.13 1.02
N PRO B 226 14.32 6.98 2.04
CA PRO B 226 15.30 7.77 2.78
C PRO B 226 16.19 6.89 3.68
N SER B 227 17.47 7.20 3.80
CA SER B 227 18.43 6.36 4.51
CA SER B 227 18.39 6.32 4.52
C SER B 227 18.37 6.64 6.00
N ARG B 228 17.31 6.18 6.63
CA ARG B 228 17.09 6.39 8.04
C ARG B 228 16.08 5.37 8.51
N LEU B 229 15.93 5.26 9.82
CA LEU B 229 14.84 4.49 10.38
C LEU B 229 13.51 5.14 10.00
N GLY B 230 12.47 4.32 9.85
CA GLY B 230 11.16 4.86 9.66
C GLY B 230 10.68 5.58 10.90
N ASP B 231 9.87 6.60 10.68
CA ASP B 231 9.23 7.36 11.77
C ASP B 231 7.91 6.67 12.07
N PRO B 232 7.63 6.34 13.34
CA PRO B 232 6.35 5.74 13.66
C PRO B 232 5.13 6.50 13.08
N ALA B 233 5.21 7.82 12.96
CA ALA B 233 4.13 8.58 12.36
C ALA B 233 3.85 8.16 10.90
N GLU B 234 4.87 7.65 10.19
CA GLU B 234 4.67 7.18 8.80
C GLU B 234 3.90 5.87 8.75
N TYR B 235 4.11 5.00 9.75
CA TYR B 235 3.26 3.81 9.93
C TYR B 235 1.82 4.24 10.17
N ALA B 236 1.63 5.21 11.07
CA ALA B 236 0.29 5.70 11.36
C ALA B 236 -0.39 6.27 10.13
N HIS B 237 0.35 7.02 9.31
CA HIS B 237 -0.21 7.56 8.09
C HIS B 237 -0.71 6.45 7.13
N LEU B 238 0.03 5.37 7.02
CA LEU B 238 -0.39 4.28 6.16
C LEU B 238 -1.63 3.57 6.73
N VAL B 239 -1.68 3.41 8.06
CA VAL B 239 -2.91 2.90 8.68
C VAL B 239 -4.13 3.72 8.27
N GLN B 240 -4.03 5.04 8.40
CA GLN B 240 -5.15 5.91 8.02
C GLN B 240 -5.48 5.77 6.54
N ALA B 241 -4.48 5.66 5.66
CA ALA B 241 -4.72 5.48 4.22
C ALA B 241 -5.47 4.19 3.93
N ILE B 242 -5.15 3.12 4.65
CA ILE B 242 -5.87 1.87 4.47
C ILE B 242 -7.32 2.00 4.95
N ILE B 243 -7.55 2.64 6.08
CA ILE B 243 -8.92 2.79 6.57
C ILE B 243 -9.75 3.61 5.55
N GLU B 244 -9.12 4.66 4.99
CA GLU B 244 -9.85 5.57 4.12
C GLU B 244 -10.00 5.12 2.67
N ASN B 245 -9.31 4.05 2.26
CA ASN B 245 -9.43 3.53 0.89
C ASN B 245 -10.29 2.25 0.89
N PRO B 246 -11.54 2.36 0.45
CA PRO B 246 -12.43 1.20 0.51
C PRO B 246 -12.02 -0.02 -0.30
N PHE B 247 -11.06 0.11 -1.23
CA PHE B 247 -10.74 -0.99 -2.15
C PHE B 247 -9.47 -1.74 -1.77
N LEU B 248 -8.78 -1.34 -0.71
CA LEU B 248 -7.63 -2.10 -0.22
C LEU B 248 -8.09 -3.26 0.64
N ASN B 249 -7.87 -4.47 0.18
CA ASN B 249 -8.28 -5.66 0.94
C ASN B 249 -7.39 -6.84 0.57
N GLY B 250 -7.06 -7.66 1.55
CA GLY B 250 -6.37 -8.92 1.32
C GLY B 250 -4.91 -8.86 0.92
N GLU B 251 -4.29 -7.72 1.18
CA GLU B 251 -2.96 -7.40 0.71
C GLU B 251 -2.01 -7.07 1.86
N VAL B 252 -0.71 -7.27 1.59
CA VAL B 252 0.41 -6.90 2.45
C VAL B 252 1.16 -5.77 1.81
N ILE B 253 1.34 -4.66 2.52
CA ILE B 253 2.10 -3.51 2.01
C ILE B 253 3.40 -3.35 2.78
N ARG B 254 4.52 -3.42 2.07
CA ARG B 254 5.82 -3.11 2.67
C ARG B 254 6.01 -1.61 2.85
N LEU B 255 6.45 -1.22 4.05
CA LEU B 255 6.70 0.20 4.39
C LEU B 255 8.12 0.24 4.91
N ASP B 256 9.09 0.50 4.03
CA ASP B 256 10.45 0.12 4.32
C ASP B 256 11.56 0.87 3.62
N GLY B 257 11.27 1.98 2.92
CA GLY B 257 12.39 2.73 2.27
C GLY B 257 13.14 1.95 1.22
N ALA B 258 12.55 0.90 0.69
CA ALA B 258 13.12 -0.01 -0.32
C ALA B 258 14.22 -0.94 0.20
N ILE B 259 14.31 -1.10 1.53
CA ILE B 259 15.30 -2.03 2.09
C ILE B 259 15.01 -3.48 1.65
N ARG B 260 16.07 -4.25 1.45
CA ARG B 260 15.98 -5.72 1.37
C ARG B 260 17.12 -6.22 2.26
N MET B 261 16.78 -6.95 3.32
CA MET B 261 17.73 -7.30 4.37
CA MET B 261 17.77 -7.24 4.34
C MET B 261 18.72 -8.35 3.91
N GLN B 262 20.01 -8.11 4.12
CA GLN B 262 21.06 -9.11 3.91
C GLN B 262 21.12 -10.04 5.13
N PRO B 263 21.90 -11.13 5.06
CA PRO B 263 21.85 -12.11 6.13
C PRO B 263 22.17 -11.60 7.52
N GLY B 264 23.11 -10.67 7.61
CA GLY B 264 23.59 -10.27 8.91
C GLY B 264 24.41 -11.39 9.54
N SER B 265 24.62 -11.31 10.84
CA SER B 265 25.44 -12.27 11.58
C SER B 265 24.83 -12.53 12.95
#